data_9KAS
#
_entry.id   9KAS
#
_cell.length_a   69.917
_cell.length_b   73.456
_cell.length_c   87.525
_cell.angle_alpha   90.00
_cell.angle_beta   90.00
_cell.angle_gamma   90.00
#
_symmetry.space_group_name_H-M   'P 21 21 21'
#
loop_
_entity.id
_entity.type
_entity.pdbx_description
1 polymer 'anti-sulfonylurea antibody scFv'
2 non-polymer Chlorpropamide
3 water water
#
_entity_poly.entity_id   1
_entity_poly.type   'polypeptide(L)'
_entity_poly.pdbx_seq_one_letter_code
;MRAWIFFLLCLAGRALAQVQLKESGPGLVAPSQSLSITCTVSGLSLPGYGVNWVRQPPGKGLEWLGMIWDDGRTDYNSAL
KSRLSISKDNSKSQVFLKMNSLQTDDTARYYCVRNVYWGQGTLVTVSAGGGGSGGGGSGGGGSQAVVTQESALTTSPGET
VTLTCRSSTGAVTTSNYANWVQEKPDHLFSGLISGTNNRAPGVPARFSGSLIGDTAALTITGAQTEDEAIYFCALWYSNH
WVFGGGSKLTVLGSHHHHHH
;
_entity_poly.pdbx_strand_id   B,A
#
loop_
_chem_comp.id
_chem_comp.type
_chem_comp.name
_chem_comp.formula
A1EEY non-polymer Chlorpropamide 'C10 H13 Cl N2 O3 S'
#
# COMPACT_ATOMS: atom_id res chain seq x y z
N GLN A 20 -1.67 3.02 9.65
CA GLN A 20 -2.77 3.07 10.63
C GLN A 20 -3.94 4.01 10.22
N LEU A 21 -5.13 3.70 10.75
CA LEU A 21 -6.35 4.39 10.40
C LEU A 21 -7.07 4.81 11.68
N LYS A 22 -7.77 5.94 11.59
CA LYS A 22 -8.36 6.52 12.79
C LYS A 22 -9.63 7.27 12.41
N GLU A 23 -10.78 6.85 12.96
CA GLU A 23 -12.05 7.50 12.66
C GLU A 23 -12.24 8.65 13.65
N SER A 24 -12.89 9.71 13.20
CA SER A 24 -13.24 10.86 14.03
C SER A 24 -14.69 11.21 13.72
N GLY A 25 -15.57 11.04 14.67
CA GLY A 25 -16.98 11.22 14.45
C GLY A 25 -17.57 12.13 15.49
N PRO A 26 -18.80 12.59 15.27
CA PRO A 26 -19.42 13.53 16.20
C PRO A 26 -19.93 12.88 17.47
N GLY A 27 -19.78 11.56 17.60
CA GLY A 27 -20.22 10.88 18.80
C GLY A 27 -21.71 10.67 18.79
N LEU A 28 -22.43 11.77 18.84
CA LEU A 28 -23.88 11.71 18.93
C LEU A 28 -24.43 12.57 17.79
N VAL A 29 -25.44 12.08 17.07
CA VAL A 29 -26.05 12.87 15.99
C VAL A 29 -27.56 12.79 16.15
N ALA A 30 -28.29 13.87 15.64
CA ALA A 30 -29.73 13.97 15.86
C ALA A 30 -30.50 13.30 14.72
N PRO A 31 -31.65 12.70 15.03
CA PRO A 31 -32.43 12.05 13.97
C PRO A 31 -32.74 13.02 12.84
N SER A 32 -32.55 12.56 11.61
CA SER A 32 -32.84 13.25 10.38
C SER A 32 -31.80 14.33 10.07
N GLN A 33 -30.84 14.57 10.94
CA GLN A 33 -29.71 15.41 10.58
C GLN A 33 -28.64 14.52 9.96
N SER A 34 -27.52 15.10 9.57
CA SER A 34 -26.55 14.34 8.80
C SER A 34 -25.35 13.92 9.67
N LEU A 35 -24.62 12.95 9.17
CA LEU A 35 -23.47 12.37 9.86
C LEU A 35 -22.22 12.61 9.02
N SER A 36 -21.16 13.06 9.68
CA SER A 36 -19.86 13.23 9.05
C SER A 36 -18.82 12.53 9.90
N ILE A 37 -18.12 11.59 9.28
CA ILE A 37 -16.97 10.94 9.90
C ILE A 37 -15.76 11.14 9.03
N THR A 38 -14.62 11.42 9.65
CA THR A 38 -13.37 11.54 8.93
C THR A 38 -12.50 10.34 9.25
N CYS A 39 -11.98 9.68 8.22
CA CYS A 39 -10.97 8.65 8.40
C CYS A 39 -9.62 9.28 8.06
N THR A 40 -8.72 9.29 9.02
CA THR A 40 -7.39 9.86 8.87
C THR A 40 -6.40 8.73 8.69
N VAL A 41 -5.62 8.79 7.61
CA VAL A 41 -4.76 7.70 7.17
C VAL A 41 -3.31 8.10 7.43
N SER A 42 -2.60 7.32 8.23
CA SER A 42 -1.22 7.63 8.53
C SER A 42 -0.39 6.36 8.43
N GLY A 43 0.89 6.54 8.11
CA GLY A 43 1.85 5.47 7.98
C GLY A 43 2.64 5.59 6.70
N LEU A 44 3.33 4.52 6.33
CA LEU A 44 4.16 4.53 5.13
C LEU A 44 3.52 3.74 3.99
N SER A 45 3.00 2.57 4.29
CA SER A 45 2.45 1.71 3.25
C SER A 45 0.92 1.73 3.24
N LEU A 46 0.38 1.54 2.06
CA LEU A 46 -1.06 1.49 1.81
C LEU A 46 -1.41 0.22 1.04
N PRO A 47 -1.51 -0.92 1.71
CA PRO A 47 -1.93 -2.15 1.03
C PRO A 47 -3.37 -2.03 0.54
N GLY A 48 -3.67 -2.76 -0.52
CA GLY A 48 -5.00 -2.72 -1.10
C GLY A 48 -5.17 -1.60 -2.08
N TYR A 49 -6.43 -1.43 -2.52
CA TYR A 49 -6.74 -0.54 -3.62
C TYR A 49 -7.63 0.64 -3.26
N GLY A 50 -7.93 0.85 -1.98
CA GLY A 50 -8.75 1.96 -1.56
C GLY A 50 -9.08 1.85 -0.08
N VAL A 51 -10.10 2.59 0.33
CA VAL A 51 -10.50 2.70 1.73
C VAL A 51 -11.99 2.44 1.81
N ASN A 52 -12.38 1.55 2.72
CA ASN A 52 -13.75 1.08 2.90
C ASN A 52 -14.34 1.67 4.17
N TRP A 53 -15.64 1.92 4.14
CA TRP A 53 -16.42 2.22 5.32
C TRP A 53 -17.33 1.05 5.62
N VAL A 54 -17.30 0.61 6.87
CA VAL A 54 -18.07 -0.49 7.40
C VAL A 54 -18.62 -0.07 8.75
N ARG A 55 -19.76 -0.65 9.15
CA ARG A 55 -20.35 -0.32 10.43
C ARG A 55 -20.87 -1.59 11.07
N GLN A 56 -21.01 -1.55 12.38
CA GLN A 56 -21.61 -2.65 13.15
C GLN A 56 -22.62 -2.04 14.11
N PRO A 57 -23.92 -2.22 13.87
CA PRO A 57 -24.90 -1.85 14.87
C PRO A 57 -24.62 -2.62 16.16
N PRO A 58 -24.92 -2.02 17.31
CA PRO A 58 -24.60 -2.70 18.58
C PRO A 58 -25.28 -4.06 18.63
N GLY A 59 -24.51 -5.07 19.02
CA GLY A 59 -25.03 -6.41 19.16
C GLY A 59 -25.47 -7.08 17.87
N LYS A 60 -25.30 -6.43 16.73
CA LYS A 60 -25.65 -6.96 15.43
C LYS A 60 -24.35 -7.22 14.65
N GLY A 61 -24.50 -7.68 13.41
CA GLY A 61 -23.35 -8.04 12.61
C GLY A 61 -22.72 -6.87 11.90
N LEU A 62 -21.62 -7.14 11.23
CA LEU A 62 -20.95 -6.15 10.40
C LEU A 62 -21.74 -5.89 9.11
N GLU A 63 -21.76 -4.63 8.67
CA GLU A 63 -22.44 -4.23 7.44
C GLU A 63 -21.55 -3.32 6.61
N TRP A 64 -21.32 -3.69 5.35
CA TRP A 64 -20.50 -2.89 4.45
C TRP A 64 -21.29 -1.67 3.98
N LEU A 65 -20.64 -0.52 3.98
CA LEU A 65 -21.28 0.73 3.59
C LEU A 65 -20.80 1.20 2.24
N GLY A 66 -19.49 1.26 2.05
CA GLY A 66 -19.02 1.70 0.75
C GLY A 66 -17.52 1.69 0.67
N MET A 67 -17.02 2.14 -0.47
CA MET A 67 -15.60 2.14 -0.72
C MET A 67 -15.24 3.28 -1.66
N ILE A 68 -14.06 3.87 -1.44
CA ILE A 68 -13.46 4.80 -2.38
C ILE A 68 -12.11 4.23 -2.80
N TRP A 69 -11.95 4.00 -4.11
CA TRP A 69 -10.74 3.45 -4.70
C TRP A 69 -9.66 4.52 -4.76
N ASP A 70 -8.44 4.07 -5.02
CA ASP A 70 -7.33 5.00 -5.11
C ASP A 70 -7.41 5.91 -6.34
N ASP A 71 -8.14 5.52 -7.39
CA ASP A 71 -8.35 6.42 -8.52
C ASP A 71 -9.39 7.49 -8.23
N GLY A 72 -10.19 7.32 -7.18
CA GLY A 72 -11.23 8.26 -6.80
C GLY A 72 -12.64 7.75 -6.99
N ARG A 73 -12.82 6.65 -7.74
CA ARG A 73 -14.15 6.10 -7.99
C ARG A 73 -14.72 5.46 -6.74
N THR A 74 -16.04 5.49 -6.63
CA THR A 74 -16.72 5.02 -5.43
C THR A 74 -17.75 3.94 -5.73
N ASP A 75 -17.88 3.01 -4.79
CA ASP A 75 -18.95 2.03 -4.83
C ASP A 75 -19.66 2.06 -3.48
N TYR A 76 -20.94 1.73 -3.50
CA TYR A 76 -21.80 1.88 -2.34
C TYR A 76 -22.65 0.65 -2.11
N ASN A 77 -22.95 0.38 -0.85
CA ASN A 77 -24.02 -0.54 -0.53
C ASN A 77 -25.29 -0.02 -1.16
N SER A 78 -25.84 -0.78 -2.11
CA SER A 78 -27.01 -0.29 -2.84
C SER A 78 -28.14 0.04 -1.89
N ALA A 79 -28.30 -0.72 -0.80
CA ALA A 79 -29.42 -0.43 0.08
C ALA A 79 -29.26 0.91 0.79
N LEU A 80 -28.08 1.52 0.73
CA LEU A 80 -27.82 2.78 1.41
C LEU A 80 -27.34 3.87 0.46
N LYS A 81 -27.21 3.54 -0.83
CA LYS A 81 -26.60 4.42 -1.82
C LYS A 81 -27.28 5.79 -1.86
N SER A 82 -28.60 5.82 -1.60
CA SER A 82 -29.33 7.08 -1.72
C SER A 82 -29.02 8.08 -0.61
N ARG A 83 -28.44 7.65 0.51
CA ARG A 83 -28.16 8.54 1.62
C ARG A 83 -26.68 8.75 1.88
N LEU A 84 -25.79 8.14 1.10
CA LEU A 84 -24.37 8.09 1.42
C LEU A 84 -23.56 8.87 0.41
N SER A 85 -22.49 9.50 0.88
CA SER A 85 -21.52 10.06 -0.04
C SER A 85 -20.14 9.99 0.60
N ILE A 86 -19.17 9.52 -0.16
CA ILE A 86 -17.81 9.27 0.27
C ILE A 86 -16.87 10.09 -0.60
N SER A 87 -15.88 10.71 0.03
CA SER A 87 -14.99 11.62 -0.65
C SER A 87 -13.60 11.48 -0.03
N LYS A 88 -12.65 12.28 -0.50
CA LYS A 88 -11.27 12.14 -0.07
C LYS A 88 -10.59 13.48 -0.24
N ASP A 89 -9.57 13.69 0.56
CA ASP A 89 -8.73 14.87 0.44
C ASP A 89 -7.31 14.34 0.51
N ASN A 90 -6.71 14.16 -0.68
CA ASN A 90 -5.39 13.53 -0.77
C ASN A 90 -4.32 14.37 -0.08
N SER A 91 -4.50 15.70 -0.03
CA SER A 91 -3.53 16.54 0.65
C SER A 91 -3.53 16.30 2.15
N LYS A 92 -4.69 16.01 2.73
CA LYS A 92 -4.77 15.77 4.15
C LYS A 92 -4.75 14.30 4.48
N SER A 93 -4.58 13.44 3.46
CA SER A 93 -4.50 12.00 3.65
C SER A 93 -5.72 11.47 4.39
N GLN A 94 -6.89 11.94 4.02
CA GLN A 94 -8.11 11.60 4.72
C GLN A 94 -9.19 11.14 3.75
N VAL A 95 -10.10 10.32 4.28
CA VAL A 95 -11.26 9.85 3.53
C VAL A 95 -12.49 10.15 4.39
N PHE A 96 -13.59 10.49 3.74
CA PHE A 96 -14.76 11.02 4.42
C PHE A 96 -15.99 10.18 4.12
N LEU A 97 -16.84 10.07 5.14
CA LEU A 97 -18.14 9.44 5.04
C LEU A 97 -19.18 10.50 5.36
N LYS A 98 -20.19 10.62 4.54
CA LYS A 98 -21.32 11.50 4.85
C LYS A 98 -22.58 10.69 4.66
N MET A 99 -23.49 10.78 5.60
CA MET A 99 -24.76 10.10 5.48
C MET A 99 -25.82 11.04 6.01
N ASN A 100 -26.88 11.29 5.23
CA ASN A 100 -27.92 12.17 5.73
C ASN A 100 -29.16 11.39 6.13
N SER A 101 -30.11 12.11 6.76
CA SER A 101 -31.39 11.54 7.18
C SER A 101 -31.19 10.45 8.22
N LEU A 102 -30.38 10.74 9.22
CA LEU A 102 -30.04 9.72 10.20
C LEU A 102 -31.28 9.09 10.81
N GLN A 103 -31.30 7.76 10.85
CA GLN A 103 -32.36 6.99 11.49
C GLN A 103 -31.84 6.35 12.76
N THR A 104 -32.77 5.90 13.60
CA THR A 104 -32.36 5.25 14.83
C THR A 104 -31.54 4.00 14.52
N ASP A 105 -31.99 3.18 13.55
CA ASP A 105 -31.21 2.02 13.18
C ASP A 105 -29.87 2.39 12.53
N ASP A 106 -29.52 3.67 12.44
CA ASP A 106 -28.18 4.08 12.02
C ASP A 106 -27.18 4.13 13.17
N THR A 107 -27.64 3.89 14.40
CA THR A 107 -26.74 3.81 15.53
C THR A 107 -25.80 2.63 15.35
N ALA A 108 -24.49 2.87 15.46
CA ALA A 108 -23.53 1.79 15.19
C ALA A 108 -22.11 2.30 15.39
N ARG A 109 -21.15 1.38 15.44
CA ARG A 109 -19.75 1.76 15.28
C ARG A 109 -19.37 1.79 13.80
N TYR A 110 -18.62 2.83 13.43
CA TYR A 110 -18.22 3.10 12.07
C TYR A 110 -16.70 2.95 12.00
N TYR A 111 -16.26 2.09 11.10
CA TYR A 111 -14.87 1.72 10.87
C TYR A 111 -14.50 2.09 9.45
N CYS A 112 -13.28 2.59 9.26
CA CYS A 112 -12.68 2.65 7.95
C CYS A 112 -11.60 1.58 7.88
N VAL A 113 -11.48 0.94 6.73
CA VAL A 113 -10.70 -0.27 6.59
C VAL A 113 -9.92 -0.19 5.28
N ARG A 114 -8.64 -0.45 5.34
CA ARG A 114 -7.84 -0.53 4.12
C ARG A 114 -7.17 -1.89 4.07
N ASN A 115 -7.65 -2.78 3.19
CA ASN A 115 -7.12 -4.13 3.04
C ASN A 115 -7.41 -4.89 4.33
N VAL A 116 -6.39 -5.32 5.09
CA VAL A 116 -6.60 -6.02 6.35
C VAL A 116 -6.55 -5.11 7.58
N TYR A 117 -6.25 -3.81 7.41
CA TYR A 117 -6.11 -2.91 8.56
C TYR A 117 -7.42 -2.20 8.85
N TRP A 118 -7.84 -2.28 10.11
CA TRP A 118 -9.06 -1.65 10.56
C TRP A 118 -8.70 -0.56 11.55
N GLY A 119 -9.45 0.54 11.51
CA GLY A 119 -9.38 1.47 12.62
C GLY A 119 -10.15 0.94 13.81
N GLN A 120 -9.95 1.60 14.95
CA GLN A 120 -10.66 1.15 16.15
C GLN A 120 -12.13 1.51 16.12
N GLY A 121 -12.54 2.38 15.20
CA GLY A 121 -13.93 2.70 15.02
C GLY A 121 -14.41 3.81 15.94
N THR A 122 -15.50 4.45 15.54
CA THR A 122 -16.16 5.46 16.35
C THR A 122 -17.63 5.10 16.48
N LEU A 123 -18.12 5.16 17.71
CA LEU A 123 -19.51 4.86 18.02
C LEU A 123 -20.35 6.08 17.69
N VAL A 124 -21.40 5.89 16.92
CA VAL A 124 -22.35 6.94 16.60
C VAL A 124 -23.69 6.52 17.16
N THR A 125 -24.23 7.32 18.07
CA THR A 125 -25.57 7.15 18.62
C THR A 125 -26.49 8.23 18.04
N VAL A 126 -27.71 7.83 17.67
CA VAL A 126 -28.67 8.75 17.07
C VAL A 126 -29.67 9.14 18.14
N SER A 127 -29.77 10.45 18.40
CA SER A 127 -30.53 11.07 19.53
C SER A 127 -31.95 10.58 19.77
N ALA A 145 -26.97 -10.61 -2.43
CA ALA A 145 -26.26 -11.85 -2.09
C ALA A 145 -26.15 -12.06 -0.58
N VAL A 146 -26.20 -13.32 -0.11
CA VAL A 146 -26.14 -13.59 1.33
C VAL A 146 -24.97 -14.52 1.60
N VAL A 147 -24.16 -14.17 2.60
CA VAL A 147 -23.00 -14.93 3.01
C VAL A 147 -23.31 -15.56 4.36
N THR A 148 -23.14 -16.87 4.45
CA THR A 148 -23.50 -17.63 5.63
C THR A 148 -22.26 -18.30 6.20
N GLN A 149 -22.04 -18.10 7.50
CA GLN A 149 -20.96 -18.72 8.25
C GLN A 149 -21.52 -19.55 9.40
N GLU A 150 -20.74 -20.52 9.84
CA GLU A 150 -21.16 -21.27 11.02
C GLU A 150 -21.34 -20.29 12.14
N SER A 151 -22.50 -20.36 12.77
CA SER A 151 -22.82 -19.40 13.82
C SER A 151 -22.00 -19.64 15.08
N ALA A 152 -21.70 -20.90 15.43
CA ALA A 152 -20.86 -21.17 16.60
C ALA A 152 -20.07 -22.47 16.45
N LEU A 153 -18.88 -22.48 17.06
CA LEU A 153 -17.94 -23.60 17.01
C LEU A 153 -17.10 -23.68 18.28
N THR A 154 -16.84 -24.90 18.73
CA THR A 154 -16.05 -25.10 19.93
C THR A 154 -14.93 -26.09 19.64
N THR A 155 -13.75 -25.82 20.22
CA THR A 155 -12.57 -26.64 19.96
C THR A 155 -11.69 -26.64 21.19
N SER A 156 -10.61 -27.40 21.11
CA SER A 156 -9.74 -27.61 22.26
C SER A 156 -8.30 -27.36 21.86
N PRO A 157 -7.48 -26.90 22.80
CA PRO A 157 -6.14 -26.43 22.43
C PRO A 157 -5.38 -27.53 21.70
N GLY A 158 -4.72 -27.16 20.61
CA GLY A 158 -3.97 -28.12 19.82
C GLY A 158 -4.75 -28.80 18.72
N GLU A 159 -6.08 -28.85 18.81
CA GLU A 159 -6.87 -29.42 17.74
C GLU A 159 -6.98 -28.42 16.60
N THR A 160 -7.31 -28.94 15.43
CA THR A 160 -7.49 -28.13 14.24
C THR A 160 -8.98 -27.90 14.01
N VAL A 161 -9.32 -26.69 13.59
CA VAL A 161 -10.71 -26.32 13.37
C VAL A 161 -10.81 -25.62 12.03
N THR A 162 -11.96 -25.80 11.38
CA THR A 162 -12.19 -25.17 10.09
C THR A 162 -13.49 -24.40 10.15
N LEU A 163 -13.44 -23.19 9.62
CA LEU A 163 -14.59 -22.31 9.50
C LEU A 163 -14.92 -22.15 8.03
N THR A 164 -16.21 -22.10 7.69
CA THR A 164 -16.62 -22.02 6.30
C THR A 164 -17.49 -20.80 6.04
N CYS A 165 -17.54 -20.43 4.76
CA CYS A 165 -18.11 -19.15 4.33
C CYS A 165 -18.76 -19.43 2.98
N ARG A 166 -20.08 -19.57 2.99
CA ARG A 166 -20.85 -19.93 1.81
C ARG A 166 -21.58 -18.71 1.24
N SER A 167 -21.55 -18.58 -0.08
CA SER A 167 -22.34 -17.62 -0.80
C SER A 167 -23.68 -18.23 -1.24
N SER A 168 -24.73 -17.42 -1.22
CA SER A 168 -26.03 -17.87 -1.71
C SER A 168 -26.16 -17.82 -3.22
N THR A 169 -25.29 -17.07 -3.90
CA THR A 169 -25.39 -16.95 -5.34
C THR A 169 -24.70 -18.10 -6.07
N GLY A 170 -23.93 -18.92 -5.38
CA GLY A 170 -23.28 -20.04 -6.00
C GLY A 170 -21.95 -20.31 -5.34
N ALA A 171 -21.07 -20.97 -6.08
CA ALA A 171 -19.77 -21.32 -5.55
C ALA A 171 -18.89 -20.09 -5.37
N VAL A 172 -18.01 -20.15 -4.36
CA VAL A 172 -17.04 -19.09 -4.08
C VAL A 172 -15.75 -19.43 -4.81
N THR A 173 -15.23 -18.46 -5.56
CA THR A 173 -13.94 -18.60 -6.22
C THR A 173 -13.03 -17.47 -5.81
N THR A 174 -11.75 -17.60 -6.20
CA THR A 174 -10.78 -16.55 -5.92
C THR A 174 -11.16 -15.23 -6.56
N SER A 175 -12.11 -15.22 -7.51
CA SER A 175 -12.59 -13.93 -7.97
C SER A 175 -13.36 -13.17 -6.89
N ASN A 176 -13.74 -13.82 -5.79
CA ASN A 176 -14.44 -13.19 -4.69
C ASN A 176 -13.51 -12.63 -3.60
N TYR A 177 -12.22 -12.92 -3.67
CA TYR A 177 -11.22 -12.32 -2.80
C TYR A 177 -11.64 -12.46 -1.34
N ALA A 178 -11.91 -13.70 -0.93
CA ALA A 178 -12.37 -13.99 0.41
C ALA A 178 -11.45 -13.35 1.44
N ASN A 179 -12.04 -12.51 2.31
CA ASN A 179 -11.37 -11.90 3.46
C ASN A 179 -11.84 -12.61 4.72
N TRP A 180 -10.91 -12.82 5.65
CA TRP A 180 -11.24 -13.29 6.99
C TRP A 180 -10.70 -12.27 7.97
N VAL A 181 -11.61 -11.75 8.81
CA VAL A 181 -11.37 -10.67 9.76
C VAL A 181 -11.69 -11.23 11.14
N GLN A 182 -10.76 -11.07 12.09
CA GLN A 182 -10.96 -11.52 13.46
C GLN A 182 -11.36 -10.35 14.37
N GLU A 183 -12.53 -10.46 15.00
CA GLU A 183 -12.97 -9.55 16.07
C GLU A 183 -12.57 -10.13 17.41
N LYS A 184 -11.66 -9.45 18.10
CA LYS A 184 -11.25 -9.99 19.37
C LYS A 184 -11.63 -9.01 20.46
N PRO A 185 -12.02 -9.51 21.63
CA PRO A 185 -12.75 -8.69 22.62
C PRO A 185 -12.29 -7.24 22.69
N ASP A 186 -13.19 -6.32 22.39
CA ASP A 186 -14.53 -6.71 21.94
C ASP A 186 -14.94 -6.07 20.61
N HIS A 187 -14.48 -4.86 20.32
CA HIS A 187 -14.77 -4.24 19.03
C HIS A 187 -13.47 -3.87 18.31
N LEU A 188 -12.38 -4.58 18.60
CA LEU A 188 -11.14 -4.49 17.84
C LEU A 188 -11.11 -5.51 16.69
N PHE A 189 -11.01 -5.02 15.45
CA PHE A 189 -11.02 -5.89 14.28
C PHE A 189 -9.66 -5.97 13.60
N SER A 190 -9.30 -7.18 13.18
CA SER A 190 -8.01 -7.36 12.53
C SER A 190 -8.15 -8.36 11.39
N GLY A 191 -7.62 -7.99 10.22
CA GLY A 191 -7.73 -8.85 9.07
C GLY A 191 -6.70 -9.99 9.20
N LEU A 192 -7.18 -11.21 9.05
CA LEU A 192 -6.31 -12.37 9.12
C LEU A 192 -5.85 -12.80 7.75
N ILE A 193 -6.81 -12.95 6.83
CA ILE A 193 -6.56 -13.45 5.47
C ILE A 193 -7.20 -12.50 4.46
N SER A 194 -6.47 -12.12 3.42
CA SER A 194 -7.16 -11.48 2.30
C SER A 194 -6.77 -12.20 1.01
N GLY A 195 -7.57 -11.98 -0.04
CA GLY A 195 -7.30 -12.60 -1.32
C GLY A 195 -7.44 -14.10 -1.27
N THR A 196 -8.45 -14.59 -0.55
CA THR A 196 -8.69 -16.01 -0.36
C THR A 196 -7.63 -16.70 0.52
N ASN A 197 -6.34 -16.42 0.29
CA ASN A 197 -5.32 -17.22 0.98
C ASN A 197 -4.06 -16.46 1.36
N ASN A 198 -4.07 -15.15 1.42
CA ASN A 198 -2.86 -14.41 1.72
C ASN A 198 -2.88 -14.05 3.20
N ARG A 199 -1.97 -14.66 3.95
CA ARG A 199 -1.90 -14.42 5.39
C ARG A 199 -1.44 -12.99 5.60
N ALA A 200 -2.12 -12.27 6.48
CA ALA A 200 -1.70 -10.91 6.76
C ALA A 200 -0.41 -10.90 7.57
N PRO A 201 0.38 -9.84 7.47
CA PRO A 201 1.66 -9.79 8.17
C PRO A 201 1.45 -9.92 9.67
N GLY A 202 2.35 -10.64 10.33
CA GLY A 202 2.24 -10.86 11.74
C GLY A 202 1.20 -11.89 12.15
N VAL A 203 0.37 -12.36 11.23
CA VAL A 203 -0.63 -13.35 11.64
C VAL A 203 0.05 -14.70 11.86
N PRO A 204 -0.28 -15.44 12.92
CA PRO A 204 0.38 -16.73 13.15
C PRO A 204 0.20 -17.65 11.96
N ALA A 205 1.20 -18.51 11.75
CA ALA A 205 1.17 -19.46 10.65
C ALA A 205 0.03 -20.45 10.75
N ARG A 206 -0.54 -20.64 11.94
CA ARG A 206 -1.62 -21.62 12.11
C ARG A 206 -2.90 -21.23 11.35
N PHE A 207 -3.05 -19.97 10.96
CA PHE A 207 -4.20 -19.53 10.18
C PHE A 207 -3.88 -19.66 8.71
N SER A 208 -4.75 -20.33 7.97
CA SER A 208 -4.59 -20.38 6.53
C SER A 208 -5.95 -20.27 5.87
N GLY A 209 -6.02 -19.50 4.80
CA GLY A 209 -7.22 -19.40 4.01
C GLY A 209 -7.14 -20.29 2.78
N SER A 210 -8.27 -20.90 2.44
CA SER A 210 -8.36 -21.75 1.26
C SER A 210 -9.79 -21.72 0.76
N LEU A 211 -10.04 -22.43 -0.34
CA LEU A 211 -11.37 -22.78 -0.81
C LEU A 211 -11.61 -24.26 -0.53
N ILE A 212 -12.83 -24.60 -0.13
CA ILE A 212 -13.21 -25.99 0.11
C ILE A 212 -14.59 -26.19 -0.47
N GLY A 213 -14.71 -27.09 -1.44
CA GLY A 213 -15.97 -27.24 -2.14
C GLY A 213 -16.32 -25.92 -2.76
N ASP A 214 -17.54 -25.48 -2.55
CA ASP A 214 -17.99 -24.20 -3.08
C ASP A 214 -17.88 -23.07 -2.07
N THR A 215 -17.18 -23.29 -0.95
CA THR A 215 -17.10 -22.32 0.15
C THR A 215 -15.67 -21.80 0.32
N ALA A 216 -15.56 -20.63 0.92
CA ALA A 216 -14.27 -20.20 1.44
C ALA A 216 -14.08 -20.79 2.82
N ALA A 217 -12.84 -21.09 3.18
CA ALA A 217 -12.58 -21.78 4.43
C ALA A 217 -11.38 -21.16 5.11
N LEU A 218 -11.46 -21.08 6.43
CA LEU A 218 -10.39 -20.59 7.28
C LEU A 218 -10.00 -21.73 8.22
N THR A 219 -8.76 -22.20 8.09
CA THR A 219 -8.29 -23.29 8.90
C THR A 219 -7.37 -22.74 9.97
N ILE A 220 -7.71 -23.03 11.21
CA ILE A 220 -6.85 -22.75 12.36
C ILE A 220 -6.26 -24.10 12.75
N THR A 221 -4.96 -24.27 12.50
CA THR A 221 -4.29 -25.54 12.75
C THR A 221 -3.65 -25.52 14.14
N GLY A 222 -4.17 -26.38 15.03
CA GLY A 222 -3.63 -26.43 16.37
C GLY A 222 -4.05 -25.22 17.16
N ALA A 223 -5.37 -24.99 17.22
CA ALA A 223 -5.94 -23.80 17.83
C ALA A 223 -5.47 -23.63 19.28
N GLN A 224 -5.32 -22.39 19.68
CA GLN A 224 -4.92 -22.05 21.03
C GLN A 224 -6.00 -21.22 21.71
N THR A 225 -5.86 -21.03 23.02
CA THR A 225 -6.84 -20.25 23.76
C THR A 225 -6.89 -18.82 23.24
N GLU A 226 -5.78 -18.30 22.73
CA GLU A 226 -5.82 -16.93 22.25
C GLU A 226 -6.61 -16.78 20.97
N ASP A 227 -7.11 -17.87 20.39
CA ASP A 227 -7.88 -17.82 19.15
C ASP A 227 -9.38 -17.85 19.41
N GLU A 228 -9.79 -17.87 20.67
CA GLU A 228 -11.19 -17.73 21.02
C GLU A 228 -11.65 -16.33 20.63
N ALA A 229 -12.56 -16.25 19.69
CA ALA A 229 -12.91 -14.91 19.20
C ALA A 229 -14.08 -15.05 18.24
N ILE A 230 -14.34 -13.96 17.49
CA ILE A 230 -15.36 -13.98 16.45
C ILE A 230 -14.66 -13.77 15.13
N TYR A 231 -15.04 -14.55 14.13
CA TYR A 231 -14.38 -14.55 12.82
C TYR A 231 -15.43 -14.23 11.77
N PHE A 232 -15.23 -13.15 11.04
CA PHE A 232 -16.12 -12.73 9.97
C PHE A 232 -15.46 -12.99 8.63
N CYS A 233 -16.21 -13.52 7.69
CA CYS A 233 -15.71 -13.55 6.32
C CYS A 233 -16.46 -12.53 5.47
N ALA A 234 -15.78 -12.05 4.43
CA ALA A 234 -16.38 -11.12 3.49
C ALA A 234 -16.05 -11.55 2.07
N LEU A 235 -17.04 -11.43 1.18
CA LEU A 235 -16.89 -11.83 -0.22
C LEU A 235 -17.11 -10.63 -1.13
N TRP A 236 -16.23 -10.51 -2.13
CA TRP A 236 -16.34 -9.44 -3.12
C TRP A 236 -17.27 -9.89 -4.25
N TYR A 237 -18.22 -9.03 -4.60
CA TYR A 237 -19.15 -9.32 -5.69
C TYR A 237 -19.08 -8.22 -6.73
N SER A 238 -17.89 -8.07 -7.33
CA SER A 238 -17.65 -7.23 -8.50
C SER A 238 -17.71 -5.74 -8.22
N ASN A 239 -18.60 -5.32 -7.32
CA ASN A 239 -18.67 -3.91 -6.98
C ASN A 239 -18.99 -3.63 -5.50
N HIS A 240 -19.13 -4.65 -4.66
CA HIS A 240 -19.51 -4.50 -3.27
C HIS A 240 -18.99 -5.69 -2.46
N TRP A 241 -18.70 -5.43 -1.18
CA TRP A 241 -18.42 -6.48 -0.20
C TRP A 241 -19.69 -6.90 0.51
N VAL A 242 -19.74 -8.15 0.94
CA VAL A 242 -20.83 -8.63 1.77
C VAL A 242 -20.20 -9.45 2.88
N PHE A 243 -20.55 -9.16 4.12
CA PHE A 243 -20.04 -9.87 5.29
C PHE A 243 -20.94 -11.04 5.67
N GLY A 244 -20.30 -12.11 6.15
CA GLY A 244 -21.04 -13.18 6.78
C GLY A 244 -21.50 -12.80 8.17
N GLY A 245 -22.32 -13.67 8.74
CA GLY A 245 -22.82 -13.44 10.09
C GLY A 245 -21.80 -13.64 11.18
N GLY A 246 -20.61 -14.14 10.84
CA GLY A 246 -19.60 -14.30 11.87
C GLY A 246 -19.73 -15.61 12.61
N SER A 247 -18.59 -16.12 13.07
CA SER A 247 -18.50 -17.38 13.78
C SER A 247 -17.88 -17.12 15.14
N LYS A 248 -18.55 -17.56 16.20
CA LYS A 248 -18.01 -17.49 17.55
C LYS A 248 -17.25 -18.79 17.83
N LEU A 249 -15.92 -18.70 17.84
CA LEU A 249 -15.08 -19.86 18.13
C LEU A 249 -14.71 -19.81 19.61
N THR A 250 -15.14 -20.85 20.33
CA THR A 250 -14.79 -21.05 21.72
C THR A 250 -13.67 -22.07 21.79
N VAL A 251 -12.63 -21.77 22.56
CA VAL A 251 -11.49 -22.68 22.75
C VAL A 251 -11.43 -23.06 24.23
N LEU A 252 -11.71 -24.33 24.52
CA LEU A 252 -11.84 -24.81 25.89
C LEU A 252 -10.58 -24.57 26.72
N GLN B 20 -1.31 6.37 -9.57
CA GLN B 20 -0.56 7.16 -8.59
C GLN B 20 0.20 8.28 -9.30
N LEU B 21 1.19 7.93 -10.13
CA LEU B 21 1.98 8.94 -10.83
C LEU B 21 2.07 8.63 -12.32
N LYS B 22 2.13 9.68 -13.12
CA LYS B 22 2.10 9.58 -14.59
C LYS B 22 2.85 10.77 -15.15
N GLU B 23 3.85 10.50 -15.98
CA GLU B 23 4.66 11.51 -16.65
C GLU B 23 4.07 11.89 -18.02
N SER B 24 4.35 13.12 -18.44
CA SER B 24 4.03 13.60 -19.78
C SER B 24 5.27 14.31 -20.31
N GLY B 25 5.84 13.77 -21.38
CA GLY B 25 7.11 14.24 -21.88
C GLY B 25 7.12 14.48 -23.37
N PRO B 26 8.13 15.20 -23.87
CA PRO B 26 8.11 15.61 -25.28
C PRO B 26 8.47 14.53 -26.27
N GLY B 27 8.91 13.36 -25.79
CA GLY B 27 9.36 12.28 -26.64
C GLY B 27 10.71 12.60 -27.22
N LEU B 28 10.74 13.29 -28.35
CA LEU B 28 11.96 13.50 -29.11
C LEU B 28 12.24 14.99 -29.13
N VAL B 29 13.45 15.37 -28.74
CA VAL B 29 13.84 16.76 -28.63
C VAL B 29 15.22 16.95 -29.23
N ALA B 30 15.49 18.16 -29.65
CA ALA B 30 16.74 18.45 -30.33
C ALA B 30 17.81 18.96 -29.38
N PRO B 31 19.06 18.63 -29.64
CA PRO B 31 20.16 19.15 -28.83
C PRO B 31 20.13 20.67 -28.77
N SER B 32 20.37 21.21 -27.58
CA SER B 32 20.41 22.63 -27.23
C SER B 32 19.01 23.17 -26.95
N GLN B 33 17.96 22.37 -27.11
CA GLN B 33 16.60 22.77 -26.81
C GLN B 33 16.25 22.47 -25.35
N SER B 34 15.05 22.87 -24.95
CA SER B 34 14.59 22.71 -23.59
C SER B 34 13.52 21.64 -23.52
N LEU B 35 13.33 21.14 -22.30
CA LEU B 35 12.44 20.03 -21.95
C LEU B 35 11.46 20.48 -20.88
N SER B 36 10.22 20.02 -20.96
CA SER B 36 9.31 20.14 -19.83
C SER B 36 8.57 18.83 -19.65
N ILE B 37 8.66 18.24 -18.49
CA ILE B 37 7.91 17.03 -18.19
C ILE B 37 6.92 17.34 -17.08
N THR B 38 5.73 16.80 -17.22
CA THR B 38 4.68 16.99 -16.24
C THR B 38 4.37 15.68 -15.53
N CYS B 39 4.41 15.70 -14.21
CA CYS B 39 4.00 14.56 -13.40
C CYS B 39 2.66 14.85 -12.75
N THR B 40 1.67 14.02 -13.04
CA THR B 40 0.35 14.17 -12.45
C THR B 40 0.14 13.13 -11.35
N VAL B 41 -0.20 13.60 -10.16
CA VAL B 41 -0.25 12.81 -8.94
C VAL B 41 -1.70 12.61 -8.51
N SER B 42 -2.11 11.36 -8.35
CA SER B 42 -3.46 11.03 -7.94
C SER B 42 -3.43 9.96 -6.85
N GLY B 43 -4.52 9.90 -6.07
CA GLY B 43 -4.69 8.90 -5.02
C GLY B 43 -5.30 9.50 -3.76
N LEU B 44 -5.25 8.72 -2.69
CA LEU B 44 -5.90 9.05 -1.42
C LEU B 44 -4.93 9.63 -0.41
N SER B 45 -3.74 9.05 -0.32
CA SER B 45 -2.68 9.47 0.57
C SER B 45 -1.59 10.16 -0.24
N LEU B 46 -0.70 10.87 0.47
CA LEU B 46 0.50 11.44 -0.11
C LEU B 46 1.65 10.94 0.76
N PRO B 47 2.07 9.68 0.55
CA PRO B 47 3.19 9.15 1.33
C PRO B 47 4.48 9.87 0.99
N GLY B 48 5.35 9.99 1.99
CA GLY B 48 6.58 10.71 1.80
C GLY B 48 6.39 12.21 1.95
N TYR B 49 7.45 12.94 1.61
CA TYR B 49 7.54 14.37 1.87
C TYR B 49 7.70 15.20 0.60
N GLY B 50 7.56 14.60 -0.58
CA GLY B 50 7.68 15.35 -1.80
C GLY B 50 7.69 14.44 -3.03
N VAL B 51 8.19 15.00 -4.12
CA VAL B 51 8.21 14.35 -5.42
C VAL B 51 9.62 14.43 -5.98
N ASN B 52 10.15 13.31 -6.44
CA ASN B 52 11.48 13.25 -6.99
C ASN B 52 11.38 13.03 -8.49
N TRP B 53 12.33 13.58 -9.22
CA TRP B 53 12.59 13.26 -10.61
C TRP B 53 13.91 12.50 -10.68
N VAL B 54 13.88 11.37 -11.37
CA VAL B 54 15.02 10.47 -11.52
C VAL B 54 15.12 10.06 -12.99
N ARG B 55 16.32 9.76 -13.45
CA ARG B 55 16.45 9.41 -14.86
C ARG B 55 17.34 8.19 -15.03
N GLN B 56 17.12 7.49 -16.13
CA GLN B 56 17.91 6.32 -16.51
C GLN B 56 18.32 6.42 -17.98
N PRO B 57 19.57 6.74 -18.28
CA PRO B 57 20.04 6.66 -19.65
C PRO B 57 19.97 5.23 -20.14
N PRO B 58 19.73 5.03 -21.44
CA PRO B 58 19.60 3.66 -21.95
C PRO B 58 20.80 2.82 -21.53
N GLY B 59 20.52 1.65 -20.98
CA GLY B 59 21.57 0.74 -20.57
C GLY B 59 22.43 1.18 -19.39
N LYS B 60 22.12 2.30 -18.75
CA LYS B 60 22.87 2.77 -17.60
C LYS B 60 22.02 2.70 -16.34
N GLY B 61 22.60 3.13 -15.22
CA GLY B 61 21.92 3.07 -13.94
C GLY B 61 21.02 4.27 -13.68
N LEU B 62 20.35 4.23 -12.54
CA LEU B 62 19.48 5.34 -12.15
C LEU B 62 20.33 6.53 -11.71
N GLU B 63 19.84 7.73 -12.05
CA GLU B 63 20.50 8.98 -11.67
C GLU B 63 19.46 9.95 -11.13
N TRP B 64 19.67 10.42 -9.90
CA TRP B 64 18.73 11.34 -9.29
C TRP B 64 18.89 12.73 -9.89
N LEU B 65 17.76 13.35 -10.21
CA LEU B 65 17.75 14.70 -10.78
C LEU B 65 17.37 15.73 -9.74
N GLY B 66 16.28 15.50 -9.02
CA GLY B 66 15.93 16.47 -8.00
C GLY B 66 14.68 16.08 -7.26
N MET B 67 14.30 16.95 -6.33
CA MET B 67 13.15 16.74 -5.47
C MET B 67 12.50 18.09 -5.19
N ILE B 68 11.17 18.09 -5.12
CA ILE B 68 10.39 19.24 -4.65
C ILE B 68 9.57 18.74 -3.47
N TRP B 69 9.80 19.35 -2.31
CA TRP B 69 9.14 18.95 -1.07
C TRP B 69 7.73 19.51 -1.04
N ASP B 70 6.89 18.97 -0.16
CA ASP B 70 5.52 19.48 -0.12
C ASP B 70 5.45 20.93 0.37
N ASP B 71 6.37 21.36 1.23
CA ASP B 71 6.43 22.76 1.64
C ASP B 71 6.99 23.68 0.55
N GLY B 72 7.55 23.16 -0.53
CA GLY B 72 8.09 24.03 -1.57
C GLY B 72 9.59 24.00 -1.71
N ARG B 73 10.31 23.38 -0.77
CA ARG B 73 11.76 23.35 -0.86
C ARG B 73 12.18 22.52 -2.07
N THR B 74 13.28 22.93 -2.72
CA THR B 74 13.76 22.23 -3.91
C THR B 74 15.21 21.82 -3.73
N ASP B 75 15.55 20.61 -4.16
CA ASP B 75 16.92 20.13 -4.17
C ASP B 75 17.25 19.54 -5.54
N TYR B 76 18.48 19.76 -5.99
CA TYR B 76 18.90 19.38 -7.34
C TYR B 76 20.24 18.67 -7.25
N ASN B 77 20.46 17.82 -8.23
CA ASN B 77 21.80 17.31 -8.48
C ASN B 77 22.75 18.50 -8.71
N SER B 78 23.76 18.65 -7.85
CA SER B 78 24.66 19.81 -7.96
C SER B 78 25.30 19.90 -9.34
N ALA B 79 25.64 18.75 -9.93
CA ALA B 79 26.31 18.78 -11.23
C ALA B 79 25.38 19.24 -12.34
N LEU B 80 24.06 19.25 -12.09
CA LEU B 80 23.08 19.56 -13.11
C LEU B 80 22.16 20.73 -12.81
N LYS B 81 22.18 21.30 -11.59
CA LYS B 81 21.20 22.31 -11.17
C LYS B 81 21.26 23.55 -12.08
N SER B 82 22.39 23.80 -12.76
CA SER B 82 22.40 25.01 -13.61
C SER B 82 21.44 24.85 -14.79
N ARG B 83 21.06 23.62 -15.11
CA ARG B 83 20.19 23.30 -16.22
C ARG B 83 18.82 22.82 -15.78
N LEU B 84 18.58 22.70 -14.47
CA LEU B 84 17.38 22.07 -13.94
C LEU B 84 16.59 23.08 -13.13
N SER B 85 15.27 22.94 -13.16
CA SER B 85 14.40 23.64 -12.25
C SER B 85 13.14 22.81 -12.09
N ILE B 86 12.68 22.61 -10.86
CA ILE B 86 11.51 21.79 -10.58
C ILE B 86 10.50 22.69 -9.89
N SER B 87 9.24 22.51 -10.24
CA SER B 87 8.17 23.35 -9.76
C SER B 87 6.93 22.48 -9.60
N LYS B 88 5.83 23.08 -9.18
CA LYS B 88 4.61 22.33 -8.96
C LYS B 88 3.40 23.25 -8.98
N ASP B 89 2.23 22.64 -9.22
CA ASP B 89 0.93 23.32 -9.15
C ASP B 89 0.00 22.43 -8.36
N ASN B 90 -0.14 22.72 -7.05
CA ASN B 90 -0.94 21.86 -6.20
C ASN B 90 -2.41 21.91 -6.59
N SER B 91 -2.84 23.04 -7.17
CA SER B 91 -4.21 23.14 -7.64
C SER B 91 -4.47 22.14 -8.74
N LYS B 92 -3.46 21.82 -9.53
CA LYS B 92 -3.56 20.83 -10.60
C LYS B 92 -2.90 19.51 -10.21
N SER B 93 -2.44 19.37 -8.96
CA SER B 93 -1.82 18.14 -8.46
C SER B 93 -0.67 17.69 -9.35
N GLN B 94 0.16 18.64 -9.77
CA GLN B 94 1.18 18.37 -10.76
C GLN B 94 2.54 18.87 -10.30
N VAL B 95 3.57 18.21 -10.81
CA VAL B 95 4.95 18.59 -10.60
C VAL B 95 5.61 18.67 -11.96
N PHE B 96 6.54 19.60 -12.12
CA PHE B 96 7.11 19.86 -13.43
C PHE B 96 8.62 19.69 -13.38
N LEU B 97 9.17 19.20 -14.48
CA LEU B 97 10.61 19.11 -14.62
C LEU B 97 11.00 19.89 -15.86
N LYS B 98 12.03 20.73 -15.75
CA LYS B 98 12.56 21.43 -16.90
C LYS B 98 14.06 21.25 -17.00
N MET B 99 14.54 21.08 -18.23
CA MET B 99 15.97 21.01 -18.54
C MET B 99 16.22 21.82 -19.80
N ASN B 100 17.19 22.71 -19.74
CA ASN B 100 17.62 23.45 -20.92
C ASN B 100 18.99 22.96 -21.35
N SER B 101 19.44 23.47 -22.49
CA SER B 101 20.77 23.12 -22.97
C SER B 101 20.88 21.63 -23.13
N LEU B 102 19.84 21.02 -23.69
CA LEU B 102 19.80 19.58 -23.80
C LEU B 102 21.02 19.07 -24.57
N GLN B 103 21.67 18.06 -24.02
CA GLN B 103 22.82 17.38 -24.60
C GLN B 103 22.40 15.98 -25.02
N THR B 104 23.26 15.32 -25.79
CA THR B 104 22.94 13.97 -26.27
C THR B 104 22.85 12.98 -25.10
N ASP B 105 23.82 13.01 -24.18
CA ASP B 105 23.81 12.10 -23.03
C ASP B 105 22.62 12.38 -22.12
N ASP B 106 21.76 13.32 -22.50
CA ASP B 106 20.54 13.52 -21.74
C ASP B 106 19.43 12.57 -22.15
N THR B 107 19.65 11.75 -23.18
CA THR B 107 18.65 10.76 -23.56
C THR B 107 18.45 9.77 -22.43
N ALA B 108 17.20 9.54 -22.05
CA ALA B 108 16.94 8.64 -20.92
C ALA B 108 15.44 8.51 -20.72
N ARG B 109 15.04 7.54 -19.90
CA ARG B 109 13.69 7.56 -19.36
C ARG B 109 13.66 8.44 -18.11
N TYR B 110 12.62 9.26 -18.00
CA TYR B 110 12.47 10.21 -16.91
C TYR B 110 11.24 9.81 -16.09
N TYR B 111 11.44 9.64 -14.78
CA TYR B 111 10.41 9.19 -13.87
C TYR B 111 10.16 10.21 -12.77
N CYS B 112 8.91 10.34 -12.35
CA CYS B 112 8.59 11.01 -11.11
C CYS B 112 8.21 9.97 -10.06
N VAL B 113 8.66 10.20 -8.84
CA VAL B 113 8.65 9.21 -7.77
C VAL B 113 8.20 9.90 -6.49
N ARG B 114 7.26 9.29 -5.79
CA ARG B 114 6.88 9.77 -4.47
C ARG B 114 7.03 8.62 -3.48
N ASN B 115 8.06 8.67 -2.64
CA ASN B 115 8.34 7.62 -1.66
C ASN B 115 8.68 6.34 -2.42
N VAL B 116 7.89 5.26 -2.30
CA VAL B 116 8.16 4.02 -3.02
C VAL B 116 7.43 3.90 -4.36
N TYR B 117 6.57 4.86 -4.71
CA TYR B 117 5.74 4.78 -5.91
C TYR B 117 6.39 5.47 -7.11
N TRP B 118 6.44 4.77 -8.25
CA TRP B 118 7.09 5.20 -9.50
C TRP B 118 6.09 5.36 -10.65
N GLY B 119 6.35 6.38 -11.52
CA GLY B 119 5.70 6.46 -12.81
C GLY B 119 6.34 5.46 -13.78
N GLN B 120 5.64 5.20 -14.89
CA GLN B 120 6.27 4.23 -15.76
C GLN B 120 7.38 4.88 -16.56
N GLY B 121 7.49 6.19 -16.46
CA GLY B 121 8.51 6.97 -17.14
C GLY B 121 8.15 7.39 -18.56
N THR B 122 8.87 8.41 -19.03
CA THR B 122 8.74 8.90 -20.40
C THR B 122 10.12 8.94 -21.03
N LEU B 123 10.23 8.40 -22.24
CA LEU B 123 11.51 8.31 -22.94
C LEU B 123 11.81 9.62 -23.67
N VAL B 124 12.96 10.21 -23.38
CA VAL B 124 13.40 11.43 -24.03
C VAL B 124 14.64 11.10 -24.83
N THR B 125 14.57 11.33 -26.14
CA THR B 125 15.69 11.15 -27.05
C THR B 125 16.18 12.53 -27.45
N VAL B 126 17.49 12.74 -27.40
CA VAL B 126 18.05 14.02 -27.83
C VAL B 126 18.80 13.90 -29.15
N ALA B 145 29.66 12.47 -2.86
CA ALA B 145 29.65 11.14 -2.27
C ALA B 145 29.27 10.07 -3.30
N VAL B 146 29.82 8.86 -3.18
CA VAL B 146 29.54 7.77 -4.11
C VAL B 146 29.06 6.54 -3.33
N VAL B 147 27.99 5.92 -3.84
CA VAL B 147 27.35 4.75 -3.23
C VAL B 147 27.66 3.53 -4.09
N THR B 148 28.11 2.45 -3.45
CA THR B 148 28.56 1.26 -4.15
C THR B 148 27.71 0.06 -3.75
N GLN B 149 27.29 -0.73 -4.75
CA GLN B 149 26.60 -2.00 -4.58
C GLN B 149 27.37 -3.06 -5.37
N GLU B 150 27.16 -4.33 -4.98
CA GLU B 150 27.72 -5.44 -5.74
C GLU B 150 27.20 -5.41 -7.17
N SER B 151 28.10 -5.56 -8.13
CA SER B 151 27.71 -5.37 -9.52
C SER B 151 26.74 -6.47 -9.98
N ALA B 152 26.99 -7.71 -9.57
CA ALA B 152 26.11 -8.82 -9.94
C ALA B 152 26.18 -9.91 -8.88
N LEU B 153 25.05 -10.60 -8.71
CA LEU B 153 24.94 -11.65 -7.71
C LEU B 153 24.04 -12.75 -8.24
N THR B 154 24.37 -13.99 -7.89
CA THR B 154 23.59 -15.14 -8.35
C THR B 154 23.17 -15.99 -7.16
N THR B 155 21.93 -16.46 -7.22
CA THR B 155 21.35 -17.32 -6.19
C THR B 155 20.23 -18.11 -6.86
N SER B 156 19.69 -19.08 -6.13
CA SER B 156 18.70 -19.96 -6.73
C SER B 156 17.56 -20.22 -5.75
N PRO B 157 16.44 -20.75 -6.24
CA PRO B 157 15.21 -20.77 -5.44
C PRO B 157 15.40 -21.40 -4.07
N GLY B 158 14.84 -20.74 -3.06
CA GLY B 158 14.88 -21.17 -1.69
C GLY B 158 16.06 -20.66 -0.90
N GLU B 159 17.14 -20.27 -1.58
CA GLU B 159 18.34 -19.77 -0.92
C GLU B 159 18.14 -18.34 -0.44
N THR B 160 18.98 -17.95 0.51
CA THR B 160 18.98 -16.58 1.02
C THR B 160 20.14 -15.82 0.38
N VAL B 161 19.87 -14.56 0.01
CA VAL B 161 20.85 -13.69 -0.65
C VAL B 161 20.80 -12.33 0.02
N THR B 162 21.94 -11.65 0.06
CA THR B 162 22.07 -10.34 0.69
C THR B 162 22.73 -9.36 -0.26
N LEU B 163 22.12 -8.18 -0.43
CA LEU B 163 22.68 -7.10 -1.21
C LEU B 163 23.04 -5.93 -0.28
N THR B 164 24.18 -5.30 -0.53
CA THR B 164 24.69 -4.26 0.35
C THR B 164 24.98 -2.98 -0.42
N CYS B 165 25.13 -1.89 0.36
CA CYS B 165 25.13 -0.53 -0.17
C CYS B 165 25.96 0.36 0.75
N ARG B 166 27.15 0.77 0.33
CA ARG B 166 27.89 1.69 1.17
C ARG B 166 27.92 3.09 0.60
N SER B 167 28.02 4.04 1.52
CA SER B 167 28.50 5.38 1.29
C SER B 167 30.01 5.37 1.39
N SER B 168 30.68 6.20 0.58
CA SER B 168 32.11 6.40 0.66
C SER B 168 32.47 7.34 1.80
N THR B 169 31.51 8.08 2.33
CA THR B 169 31.79 9.07 3.37
C THR B 169 31.81 8.47 4.79
N GLY B 170 31.34 7.24 4.96
CA GLY B 170 31.33 6.61 6.27
C GLY B 170 30.17 5.64 6.36
N ALA B 171 29.77 5.36 7.61
CA ALA B 171 28.71 4.40 7.86
C ALA B 171 27.36 4.95 7.43
N VAL B 172 26.45 4.05 7.09
CA VAL B 172 25.08 4.41 6.76
C VAL B 172 24.27 4.36 8.05
N THR B 173 23.55 5.44 8.36
CA THR B 173 22.68 5.49 9.53
C THR B 173 21.24 5.71 9.09
N THR B 174 20.31 5.53 10.03
CA THR B 174 18.91 5.72 9.70
C THR B 174 18.62 7.11 9.17
N SER B 175 19.49 8.08 9.47
CA SER B 175 19.34 9.41 8.88
C SER B 175 19.66 9.43 7.38
N ASN B 176 20.17 8.35 6.80
CA ASN B 176 20.36 8.30 5.35
C ASN B 176 19.13 7.73 4.64
N TYR B 177 18.16 7.23 5.39
CA TYR B 177 16.88 6.81 4.86
C TYR B 177 17.05 5.92 3.64
N ALA B 178 17.79 4.84 3.86
CA ALA B 178 18.10 3.90 2.80
C ALA B 178 16.83 3.45 2.10
N ASN B 179 16.82 3.62 0.77
CA ASN B 179 15.79 3.11 -0.12
C ASN B 179 16.33 1.96 -0.96
N TRP B 180 15.47 0.96 -1.18
CA TRP B 180 15.72 -0.14 -2.10
C TRP B 180 14.62 -0.17 -3.14
N VAL B 181 15.02 -0.18 -4.41
CA VAL B 181 14.14 -0.12 -5.57
C VAL B 181 14.42 -1.31 -6.49
N GLN B 182 13.36 -2.02 -6.87
CA GLN B 182 13.48 -3.17 -7.77
C GLN B 182 13.11 -2.77 -9.18
N GLU B 183 14.06 -2.91 -10.10
CA GLU B 183 13.81 -2.80 -11.53
C GLU B 183 13.49 -4.19 -12.06
N LYS B 184 12.26 -4.35 -12.51
CA LYS B 184 11.75 -5.58 -12.99
C LYS B 184 11.50 -5.47 -14.50
N PRO B 185 11.75 -6.56 -15.27
CA PRO B 185 11.77 -6.43 -16.73
C PRO B 185 10.69 -5.52 -17.28
N ASP B 186 11.15 -4.47 -17.95
CA ASP B 186 12.59 -4.27 -18.07
C ASP B 186 12.99 -2.90 -17.52
N HIS B 187 12.09 -1.92 -17.68
CA HIS B 187 12.28 -0.59 -17.14
C HIS B 187 11.13 -0.22 -16.20
N LEU B 188 10.54 -1.26 -15.58
CA LEU B 188 9.63 -1.09 -14.48
C LEU B 188 10.44 -0.88 -13.22
N PHE B 189 10.28 0.28 -12.61
CA PHE B 189 10.88 0.56 -11.33
C PHE B 189 9.76 0.57 -10.32
N SER B 190 10.00 -0.11 -9.22
CA SER B 190 9.01 -0.17 -8.16
C SER B 190 9.75 -0.27 -6.83
N GLY B 191 9.36 0.58 -5.87
CA GLY B 191 10.08 0.67 -4.62
C GLY B 191 9.78 -0.45 -3.65
N LEU B 192 10.83 -1.06 -3.09
CA LEU B 192 10.69 -2.16 -2.14
C LEU B 192 10.82 -1.72 -0.69
N ILE B 193 11.88 -0.99 -0.35
CA ILE B 193 12.15 -0.59 1.03
C ILE B 193 12.37 0.90 1.08
N SER B 194 11.74 1.57 2.03
CA SER B 194 12.04 2.94 2.38
C SER B 194 12.25 3.05 3.87
N GLY B 195 12.93 4.12 4.27
CA GLY B 195 13.19 4.37 5.68
C GLY B 195 14.08 3.32 6.31
N THR B 196 15.09 2.88 5.58
CA THR B 196 16.03 1.84 6.03
C THR B 196 15.45 0.44 6.02
N ASN B 197 14.21 0.28 6.50
CA ASN B 197 13.67 -1.07 6.71
C ASN B 197 12.16 -1.16 6.58
N ASN B 198 11.51 -0.27 5.87
CA ASN B 198 10.06 -0.29 5.77
C ASN B 198 9.66 -0.88 4.42
N ARG B 199 9.01 -2.04 4.45
CA ARG B 199 8.53 -2.70 3.24
C ARG B 199 7.35 -1.95 2.66
N ALA B 200 7.40 -1.69 1.35
CA ALA B 200 6.28 -1.05 0.69
C ALA B 200 5.14 -2.06 0.56
N PRO B 201 3.91 -1.57 0.43
CA PRO B 201 2.75 -2.48 0.40
C PRO B 201 2.88 -3.49 -0.72
N GLY B 202 2.39 -4.70 -0.45
CA GLY B 202 2.46 -5.80 -1.40
C GLY B 202 3.83 -6.43 -1.52
N VAL B 203 4.86 -5.83 -0.93
CA VAL B 203 6.17 -6.43 -1.06
C VAL B 203 6.24 -7.69 -0.20
N PRO B 204 6.73 -8.81 -0.71
CA PRO B 204 6.78 -10.05 0.07
C PRO B 204 7.66 -9.95 1.31
N ALA B 205 7.26 -10.66 2.37
CA ALA B 205 8.06 -10.63 3.59
C ALA B 205 9.49 -11.14 3.35
N ARG B 206 9.71 -11.82 2.22
CA ARG B 206 11.03 -12.35 1.89
C ARG B 206 12.08 -11.27 1.90
N PHE B 207 11.65 -10.04 1.59
CA PHE B 207 12.53 -8.88 1.52
C PHE B 207 12.55 -8.17 2.87
N SER B 208 13.75 -7.91 3.38
CA SER B 208 13.85 -7.08 4.56
C SER B 208 15.04 -6.14 4.40
N GLY B 209 14.85 -4.88 4.75
CA GLY B 209 15.91 -3.89 4.75
C GLY B 209 16.40 -3.65 6.17
N SER B 210 17.70 -3.48 6.31
CA SER B 210 18.27 -3.23 7.62
C SER B 210 19.59 -2.51 7.43
N LEU B 211 20.26 -2.17 8.52
CA LEU B 211 21.66 -1.80 8.41
C LEU B 211 22.47 -2.99 8.93
N ILE B 212 23.59 -3.26 8.27
CA ILE B 212 24.45 -4.39 8.61
C ILE B 212 25.89 -3.90 8.52
N GLY B 213 26.63 -4.02 9.62
CA GLY B 213 27.96 -3.42 9.61
C GLY B 213 27.82 -1.95 9.32
N ASP B 214 28.59 -1.45 8.35
CA ASP B 214 28.56 -0.04 7.96
C ASP B 214 27.70 0.22 6.73
N THR B 215 26.95 -0.78 6.28
CA THR B 215 26.24 -0.71 5.01
C THR B 215 24.75 -0.80 5.25
N ALA B 216 23.98 -0.36 4.26
CA ALA B 216 22.58 -0.74 4.18
C ALA B 216 22.48 -2.09 3.48
N ALA B 217 21.49 -2.90 3.87
CA ALA B 217 21.39 -4.25 3.31
C ALA B 217 19.95 -4.63 3.05
N LEU B 218 19.75 -5.35 1.94
CA LEU B 218 18.48 -5.95 1.57
C LEU B 218 18.66 -7.45 1.51
N THR B 219 17.96 -8.18 2.38
CA THR B 219 18.06 -9.63 2.45
C THR B 219 16.79 -10.25 1.89
N ILE B 220 16.97 -11.12 0.89
CA ILE B 220 15.88 -11.95 0.40
C ILE B 220 16.10 -13.34 0.98
N THR B 221 15.22 -13.72 1.90
CA THR B 221 15.31 -15.01 2.55
C THR B 221 14.34 -15.95 1.84
N GLY B 222 14.87 -17.01 1.23
CA GLY B 222 14.01 -17.91 0.47
C GLY B 222 13.67 -17.32 -0.87
N ALA B 223 14.72 -17.04 -1.65
CA ALA B 223 14.59 -16.39 -2.94
C ALA B 223 13.62 -17.15 -3.85
N GLN B 224 12.89 -16.39 -4.66
CA GLN B 224 12.00 -16.99 -5.64
C GLN B 224 12.45 -16.58 -7.05
N THR B 225 11.93 -17.28 -8.06
CA THR B 225 12.28 -16.92 -9.42
C THR B 225 11.77 -15.53 -9.76
N GLU B 226 10.66 -15.12 -9.17
CA GLU B 226 10.09 -13.82 -9.52
C GLU B 226 10.97 -12.68 -9.08
N ASP B 227 12.09 -12.97 -8.42
CA ASP B 227 12.99 -11.96 -7.87
C ASP B 227 14.20 -11.67 -8.75
N GLU B 228 14.32 -12.33 -9.90
CA GLU B 228 15.39 -12.03 -10.84
C GLU B 228 15.18 -10.60 -11.30
N ALA B 229 16.11 -9.70 -10.99
CA ALA B 229 15.86 -8.29 -11.29
C ALA B 229 17.14 -7.51 -11.03
N ILE B 230 17.04 -6.18 -11.08
CA ILE B 230 18.16 -5.33 -10.70
C ILE B 230 17.71 -4.50 -9.51
N TYR B 231 18.60 -4.35 -8.54
CA TYR B 231 18.28 -3.70 -7.27
C TYR B 231 19.15 -2.48 -7.08
N PHE B 232 18.50 -1.33 -6.91
CA PHE B 232 19.18 -0.07 -6.65
C PHE B 232 18.93 0.33 -5.22
N CYS B 233 19.97 0.80 -4.55
CA CYS B 233 19.83 1.45 -3.26
C CYS B 233 20.04 2.94 -3.48
N ALA B 234 19.40 3.73 -2.61
CA ALA B 234 19.52 5.19 -2.65
C ALA B 234 19.67 5.71 -1.22
N LEU B 235 20.60 6.64 -1.05
CA LEU B 235 20.88 7.22 0.27
C LEU B 235 20.77 8.74 0.20
N TRP B 236 20.15 9.31 1.21
CA TRP B 236 20.03 10.75 1.33
C TRP B 236 21.23 11.34 2.07
N TYR B 237 21.78 12.42 1.52
CA TYR B 237 22.89 13.14 2.17
C TYR B 237 22.47 14.59 2.47
N SER B 238 21.36 14.76 3.17
CA SER B 238 20.84 16.01 3.73
C SER B 238 20.43 17.05 2.68
N ASN B 239 20.97 16.96 1.45
CA ASN B 239 20.47 17.82 0.39
C ASN B 239 20.33 17.12 -0.96
N HIS B 240 20.69 15.84 -1.09
CA HIS B 240 20.58 15.16 -2.37
C HIS B 240 20.46 13.65 -2.15
N TRP B 241 19.73 12.99 -3.04
CA TRP B 241 19.72 11.53 -3.04
C TRP B 241 20.84 11.05 -3.95
N VAL B 242 21.43 9.92 -3.60
CA VAL B 242 22.45 9.29 -4.42
C VAL B 242 22.13 7.81 -4.58
N PHE B 243 22.10 7.36 -5.84
CA PHE B 243 21.85 5.97 -6.17
C PHE B 243 23.16 5.20 -6.26
N GLY B 244 23.11 3.93 -5.87
CA GLY B 244 24.18 3.02 -6.18
C GLY B 244 24.14 2.60 -7.65
N GLY B 245 25.17 1.88 -8.07
CA GLY B 245 25.20 1.40 -9.44
C GLY B 245 24.23 0.26 -9.70
N GLY B 246 23.61 -0.29 -8.67
CA GLY B 246 22.67 -1.38 -8.90
C GLY B 246 23.36 -2.74 -8.89
N SER B 247 22.59 -3.75 -8.51
CA SER B 247 23.04 -5.13 -8.45
C SER B 247 22.11 -5.98 -9.30
N LYS B 248 22.66 -6.71 -10.26
CA LYS B 248 21.86 -7.60 -11.09
C LYS B 248 21.81 -8.96 -10.41
N LEU B 249 20.64 -9.32 -9.88
CA LEU B 249 20.43 -10.61 -9.22
C LEU B 249 19.81 -11.59 -10.21
N THR B 250 20.55 -12.68 -10.48
CA THR B 250 20.09 -13.82 -11.26
C THR B 250 19.66 -14.95 -10.34
N VAL B 251 18.49 -15.52 -10.61
CA VAL B 251 17.95 -16.66 -9.89
C VAL B 251 17.92 -17.85 -10.86
N LEU B 252 18.73 -18.86 -10.57
CA LEU B 252 18.97 -19.98 -11.48
C LEU B 252 17.71 -20.74 -11.86
C10 A1EEY C . -10.86 -3.93 0.30
C15 A1EEY C . -11.72 -6.29 -4.84
C17 A1EEY C . -10.18 -5.83 -6.77
C04 A1EEY C . -9.69 -4.66 0.25
C05 A1EEY C . -9.40 -5.60 1.19
C06 A1EEY C . -10.31 -5.87 2.19
C07 A1EEY C . -11.49 -5.16 2.26
C09 A1EEY C . -11.76 -4.19 1.32
C12 A1EEY C . -10.25 -5.31 -3.04
C16 A1EEY C . -11.58 -6.30 -6.36
N11 A1EEY C . -8.92 -5.23 -2.42
N14 A1EEY C . -10.41 -6.18 -4.20
O01 A1EEY C . -8.33 -2.84 -1.21
O03 A1EEY C . -7.17 -4.59 -0.57
O13 A1EEY C . -11.20 -4.68 -2.68
S02 A1EEY C . -8.52 -4.28 -1.03
CL08 A1EEY C . -12.69 -5.51 3.53
H101 A1EEY C . -11.05 -3.16 -0.44
H152 A1EEY C . -12.33 -5.43 -4.55
H151 A1EEY C . -12.21 -7.19 -4.52
H173 A1EEY C . -9.43 -6.51 -6.36
H172 A1EEY C . -10.00 -4.83 -6.38
H171 A1EEY C . -10.10 -5.82 -7.85
H051 A1EEY C . -8.46 -6.13 1.17
H061 A1EEY C . -10.11 -6.65 2.93
H091 A1EEY C . -12.69 -3.63 1.36
H162 A1EEY C . -12.31 -5.64 -6.79
H161 A1EEY C . -11.74 -7.31 -6.72
H111 A1EEY C . -8.19 -5.77 -2.83
H141 A1EEY C . -9.64 -6.72 -4.55
C10 A1EEY D . 12.03 10.40 -1.38
C15 A1EEY D . 14.83 12.50 3.05
C17 A1EEY D . 15.52 14.27 4.73
C04 A1EEY D . 11.35 9.64 -0.46
C05 A1EEY D . 11.38 8.26 -0.55
C06 A1EEY D . 12.05 7.67 -1.59
C07 A1EEY D . 12.70 8.43 -2.52
C09 A1EEY D . 12.69 9.78 -2.41
C12 A1EEY D . 12.76 11.51 2.03
C16 A1EEY D . 15.42 12.79 4.40
N11 A1EEY D . 11.68 10.54 2.12
N14 A1EEY D . 13.74 11.55 3.10
O01 A1EEY D . 9.85 11.65 0.52
O03 A1EEY D . 9.39 9.65 1.39
O13 A1EEY D . 12.82 12.26 1.13
S02 A1EEY D . 10.50 10.42 0.90
CL08 A1EEY D . 13.60 7.75 -3.87
H101 A1EEY D . 12.03 11.47 -1.31
H152 A1EEY D . 14.49 13.44 2.61
H151 A1EEY D . 15.60 12.09 2.41
H173 A1EEY D . 14.56 14.61 5.11
H172 A1EEY D . 15.79 14.87 3.85
H171 A1EEY D . 16.28 14.41 5.49
H051 A1EEY D . 10.86 7.65 0.17
H061 A1EEY D . 12.06 6.60 -1.68
H091 A1EEY D . 13.24 10.34 -3.15
H162 A1EEY D . 16.41 12.35 4.45
H161 A1EEY D . 14.81 12.34 5.19
H111 A1EEY D . 11.64 9.91 2.88
H141 A1EEY D . 13.67 10.90 3.85
#